data_5OIC
#
_entry.id   5OIC
#
_cell.length_a   97.270
_cell.length_b   97.270
_cell.length_c   139.920
_cell.angle_alpha   90.00
_cell.angle_beta   90.00
_cell.angle_gamma   120.00
#
_symmetry.space_group_name_H-M   'P 62 2 2'
#
loop_
_entity.id
_entity.type
_entity.pdbx_description
1 polymer 'Enoyl-[acyl-carrier-protein] reductase [NADH]'
2 non-polymer NICOTINAMIDE-ADENINE-DINUCLEOTIDE
3 non-polymer [4-(pyrazol-1-ylmethyl)phenyl]methanol
4 non-polymer 2-ETHOXYETHANOL
5 water water
#
_entity_poly.entity_id   1
_entity_poly.type   'polypeptide(L)'
_entity_poly.pdbx_seq_one_letter_code
;MAGLLDGKRILVSGIITDSSIAFHIARVAQEQGAQLVLTGFDRLRLIQRITDRLPAKAPLLELDVQNEEHLASLAGRVTE
AIGAGNKLDGVVHSIGFMPQTGMGINPFFDAPYADVSKGIHISAYSYASMAKALLPIMNPGGSIVGMDFDPSRAMPAYNW
MTVAKSALESVNRFVAREAGKYGVRSNLVAAGPIRTLAMSAIVGGALGEEAGAQIQLLEEGWDQRAPIGWNMKDATPVAK
TVCALLSDWLPATTGDIIYADGGAHTQLL
;
_entity_poly.pdbx_strand_id   A
#
loop_
_chem_comp.id
_chem_comp.type
_chem_comp.name
_chem_comp.formula
9VQ non-polymer [4-(pyrazol-1-ylmethyl)phenyl]methanol 'C11 H12 N2 O'
ETX non-polymer 2-ETHOXYETHANOL 'C4 H10 O2'
NAD non-polymer NICOTINAMIDE-ADENINE-DINUCLEOTIDE 'C21 H27 N7 O14 P2'
#
# COMPACT_ATOMS: atom_id res chain seq x y z
N GLY A 3 0.36 -15.21 18.29
CA GLY A 3 0.49 -13.99 17.51
C GLY A 3 -0.83 -13.44 17.01
N LEU A 4 -0.85 -12.15 16.70
CA LEU A 4 -2.03 -11.44 16.20
C LEU A 4 -2.64 -12.08 14.94
N LEU A 5 -1.80 -12.64 14.06
CA LEU A 5 -2.24 -13.22 12.80
C LEU A 5 -1.99 -14.73 12.69
N ASP A 6 -1.98 -15.43 13.84
N ASP A 6 -1.92 -15.42 13.84
CA ASP A 6 -1.75 -16.87 13.91
CA ASP A 6 -1.65 -16.86 13.90
C ASP A 6 -2.67 -17.64 12.99
C ASP A 6 -2.63 -17.66 13.03
N GLY A 7 -2.08 -18.49 12.15
CA GLY A 7 -2.82 -19.32 11.19
C GLY A 7 -3.31 -18.64 9.93
N LYS A 8 -3.18 -17.30 9.84
CA LYS A 8 -3.66 -16.57 8.66
C LYS A 8 -2.73 -16.68 7.46
N ARG A 9 -3.29 -16.83 6.26
CA ARG A 9 -2.56 -16.88 4.99
C ARG A 9 -2.78 -15.52 4.32
N ILE A 10 -1.69 -14.77 4.15
CA ILE A 10 -1.77 -13.38 3.67
C ILE A 10 -0.89 -13.10 2.47
N LEU A 11 -1.46 -12.48 1.42
CA LEU A 11 -0.69 -12.10 0.25
C LEU A 11 -0.18 -10.66 0.49
N VAL A 12 1.13 -10.42 0.25
CA VAL A 12 1.68 -9.07 0.43
C VAL A 12 2.37 -8.67 -0.87
N SER A 13 1.86 -7.63 -1.53
CA SER A 13 2.45 -7.04 -2.73
C SER A 13 3.31 -5.84 -2.32
N GLY A 14 4.06 -5.27 -3.26
CA GLY A 14 4.78 -4.02 -3.06
C GLY A 14 6.18 -3.99 -2.49
N ILE A 15 6.82 -5.13 -2.26
CA ILE A 15 8.21 -5.09 -1.77
C ILE A 15 9.13 -4.82 -2.96
N ILE A 16 10.00 -3.81 -2.84
CA ILE A 16 11.02 -3.53 -3.86
C ILE A 16 12.40 -3.38 -3.19
N THR A 17 12.46 -2.72 -2.02
CA THR A 17 13.73 -2.54 -1.28
C THR A 17 13.45 -2.87 0.18
N ASP A 18 14.49 -2.86 1.01
CA ASP A 18 14.34 -3.08 2.46
C ASP A 18 13.68 -1.88 3.17
N SER A 19 13.47 -0.75 2.45
CA SER A 19 12.77 0.42 3.01
C SER A 19 11.29 0.49 2.55
N SER A 20 10.85 -0.46 1.69
CA SER A 20 9.43 -0.51 1.25
C SER A 20 8.55 -0.67 2.47
N ILE A 21 7.44 0.06 2.53
CA ILE A 21 6.48 -0.12 3.64
C ILE A 21 6.03 -1.59 3.68
N ALA A 22 5.84 -2.21 2.51
CA ALA A 22 5.44 -3.62 2.42
C ALA A 22 6.47 -4.57 3.02
N PHE A 23 7.78 -4.22 3.00
CA PHE A 23 8.77 -5.11 3.63
C PHE A 23 8.46 -5.19 5.14
N HIS A 24 8.15 -4.03 5.75
CA HIS A 24 7.84 -3.93 7.20
C HIS A 24 6.49 -4.54 7.52
N ILE A 25 5.49 -4.40 6.62
CA ILE A 25 4.19 -5.08 6.78
C ILE A 25 4.45 -6.61 6.82
N ALA A 26 5.22 -7.13 5.83
CA ALA A 26 5.54 -8.57 5.74
C ALA A 26 6.28 -9.06 6.99
N ARG A 27 7.29 -8.29 7.45
CA ARG A 27 8.09 -8.67 8.63
C ARG A 27 7.16 -8.78 9.86
N VAL A 28 6.38 -7.72 10.14
CA VAL A 28 5.47 -7.70 11.30
C VAL A 28 4.44 -8.85 11.21
N ALA A 29 3.84 -9.07 10.03
CA ALA A 29 2.85 -10.14 9.84
C ALA A 29 3.47 -11.50 10.15
N GLN A 30 4.72 -11.74 9.73
CA GLN A 30 5.42 -13.00 10.04
C GLN A 30 5.78 -13.11 11.53
N GLU A 31 6.18 -11.99 12.18
CA GLU A 31 6.46 -11.98 13.62
C GLU A 31 5.16 -12.33 14.36
N GLN A 32 3.99 -12.01 13.74
CA GLN A 32 2.68 -12.25 14.32
C GLN A 32 2.02 -13.57 13.88
N GLY A 33 2.80 -14.47 13.29
CA GLY A 33 2.34 -15.81 12.97
C GLY A 33 1.66 -16.04 11.64
N ALA A 34 1.61 -15.03 10.76
CA ALA A 34 0.99 -15.17 9.44
C ALA A 34 1.90 -15.97 8.51
N GLN A 35 1.30 -16.67 7.55
CA GLN A 35 2.01 -17.40 6.50
C GLN A 35 1.81 -16.56 5.26
N LEU A 36 2.91 -16.12 4.66
CA LEU A 36 2.81 -15.19 3.54
C LEU A 36 3.05 -15.75 2.17
N VAL A 37 2.44 -15.10 1.18
CA VAL A 37 2.72 -15.27 -0.25
C VAL A 37 3.07 -13.84 -0.68
N LEU A 38 4.20 -13.67 -1.37
CA LEU A 38 4.59 -12.33 -1.82
C LEU A 38 4.41 -12.18 -3.31
N THR A 39 4.10 -10.96 -3.74
CA THR A 39 4.05 -10.62 -5.16
C THR A 39 5.04 -9.50 -5.40
N GLY A 40 5.72 -9.59 -6.53
CA GLY A 40 6.73 -8.63 -6.90
C GLY A 40 6.63 -8.22 -8.34
N PHE A 41 7.00 -6.97 -8.62
CA PHE A 41 6.98 -6.42 -9.95
C PHE A 41 8.36 -6.26 -10.54
N ASP A 42 8.52 -6.77 -11.78
CA ASP A 42 9.66 -6.62 -12.67
C ASP A 42 11.03 -7.16 -12.17
N ARG A 43 11.52 -6.69 -11.02
CA ARG A 43 12.86 -7.09 -10.56
C ARG A 43 12.79 -8.22 -9.54
N LEU A 44 12.40 -9.41 -10.01
CA LEU A 44 12.17 -10.58 -9.14
C LEU A 44 13.42 -11.09 -8.46
N ARG A 45 14.58 -11.04 -9.14
CA ARG A 45 15.85 -11.49 -8.52
C ARG A 45 16.18 -10.59 -7.33
N LEU A 46 16.06 -9.27 -7.51
CA LEU A 46 16.26 -8.29 -6.44
C LEU A 46 15.28 -8.53 -5.28
N ILE A 47 13.99 -8.71 -5.61
CA ILE A 47 12.95 -8.88 -4.59
C ILE A 47 13.18 -10.15 -3.78
N GLN A 48 13.56 -11.24 -4.43
CA GLN A 48 13.90 -12.47 -3.72
C GLN A 48 15.08 -12.25 -2.74
N ARG A 49 16.13 -11.55 -3.18
CA ARG A 49 17.30 -11.28 -2.34
C ARG A 49 16.89 -10.41 -1.14
N ILE A 50 16.02 -9.41 -1.37
CA ILE A 50 15.50 -8.55 -0.29
C ILE A 50 14.70 -9.40 0.72
N THR A 51 13.76 -10.22 0.22
CA THR A 51 12.83 -10.97 1.06
C THR A 51 13.50 -12.15 1.77
N ASP A 52 14.76 -12.46 1.40
CA ASP A 52 15.55 -13.47 2.11
C ASP A 52 15.83 -13.01 3.55
N ARG A 53 15.72 -11.69 3.82
CA ARG A 53 15.93 -11.07 5.13
C ARG A 53 14.68 -11.14 6.02
N LEU A 54 13.51 -11.52 5.45
CA LEU A 54 12.30 -11.67 6.26
C LEU A 54 12.44 -12.81 7.31
N PRO A 55 11.75 -12.73 8.49
CA PRO A 55 11.86 -13.80 9.51
C PRO A 55 11.60 -15.22 9.00
N ALA A 56 10.73 -15.37 8.00
CA ALA A 56 10.41 -16.68 7.44
C ALA A 56 10.45 -16.66 5.93
N LYS A 57 10.73 -17.83 5.32
CA LYS A 57 10.73 -17.97 3.86
C LYS A 57 9.29 -17.86 3.36
N ALA A 58 9.10 -17.21 2.21
CA ALA A 58 7.76 -17.06 1.64
C ALA A 58 7.83 -17.15 0.12
N PRO A 59 6.87 -17.85 -0.52
CA PRO A 59 6.90 -17.93 -2.00
C PRO A 59 6.69 -16.56 -2.62
N LEU A 60 7.42 -16.28 -3.70
CA LEU A 60 7.33 -15.01 -4.41
C LEU A 60 6.75 -15.26 -5.79
N LEU A 61 5.69 -14.53 -6.14
CA LEU A 61 5.01 -14.64 -7.42
C LEU A 61 5.13 -13.33 -8.16
N GLU A 62 5.25 -13.40 -9.49
CA GLU A 62 5.33 -12.19 -10.28
C GLU A 62 3.95 -11.60 -10.48
N LEU A 63 3.85 -10.27 -10.31
CA LEU A 63 2.62 -9.54 -10.54
C LEU A 63 2.85 -8.10 -10.99
N ASP A 64 2.61 -7.86 -12.28
CA ASP A 64 2.57 -6.53 -12.87
C ASP A 64 1.07 -6.24 -12.94
N VAL A 65 0.58 -5.26 -12.18
CA VAL A 65 -0.86 -4.97 -12.13
C VAL A 65 -1.41 -4.41 -13.47
N GLN A 66 -0.53 -4.01 -14.39
CA GLN A 66 -0.97 -3.53 -15.71
C GLN A 66 -1.07 -4.71 -16.69
N ASN A 67 -0.59 -5.88 -16.28
CA ASN A 67 -0.60 -7.09 -17.11
C ASN A 67 -1.86 -7.94 -16.82
N GLU A 68 -2.79 -7.98 -17.78
CA GLU A 68 -4.04 -8.74 -17.63
C GLU A 68 -3.81 -10.26 -17.49
N GLU A 69 -2.79 -10.80 -18.14
CA GLU A 69 -2.44 -12.22 -18.04
C GLU A 69 -2.00 -12.56 -16.62
N HIS A 70 -1.15 -11.70 -16.01
CA HIS A 70 -0.67 -11.88 -14.62
C HIS A 70 -1.87 -11.90 -13.68
N LEU A 71 -2.83 -10.96 -13.87
CA LEU A 71 -4.02 -10.88 -13.04
C LEU A 71 -4.96 -12.08 -13.19
N ALA A 72 -5.16 -12.54 -14.45
CA ALA A 72 -6.04 -13.67 -14.76
C ALA A 72 -5.49 -14.99 -14.20
N SER A 73 -4.15 -15.15 -14.12
CA SER A 73 -3.53 -16.37 -13.60
C SER A 73 -3.19 -16.30 -12.11
N LEU A 74 -3.30 -15.11 -11.51
CA LEU A 74 -2.91 -14.85 -10.12
C LEU A 74 -3.54 -15.83 -9.11
N ALA A 75 -4.88 -15.95 -9.07
CA ALA A 75 -5.54 -16.85 -8.11
C ALA A 75 -5.02 -18.30 -8.18
N GLY A 76 -4.83 -18.81 -9.41
CA GLY A 76 -4.32 -20.17 -9.62
C GLY A 76 -2.87 -20.32 -9.14
N ARG A 77 -2.05 -19.31 -9.39
CA ARG A 77 -0.65 -19.28 -8.94
C ARG A 77 -0.56 -19.22 -7.41
N VAL A 78 -1.44 -18.42 -6.76
CA VAL A 78 -1.50 -18.33 -5.28
C VAL A 78 -1.94 -19.70 -4.70
N THR A 79 -2.99 -20.31 -5.27
CA THR A 79 -3.51 -21.61 -4.81
C THR A 79 -2.42 -22.69 -4.88
N GLU A 80 -1.66 -22.70 -5.97
CA GLU A 80 -0.54 -23.62 -6.17
C GLU A 80 0.52 -23.39 -5.05
N ALA A 81 0.80 -22.13 -4.69
CA ALA A 81 1.75 -21.78 -3.64
C ALA A 81 1.28 -22.13 -2.22
N ILE A 82 -0.02 -21.93 -1.91
CA ILE A 82 -0.55 -22.17 -0.56
C ILE A 82 -1.14 -23.57 -0.36
N GLY A 83 -1.32 -24.30 -1.47
CA GLY A 83 -1.88 -25.64 -1.47
C GLY A 83 -3.37 -25.65 -1.76
N ALA A 84 -3.80 -26.61 -2.61
CA ALA A 84 -5.21 -26.81 -2.99
C ALA A 84 -6.07 -26.96 -1.72
N GLY A 85 -7.25 -26.35 -1.75
CA GLY A 85 -8.15 -26.40 -0.60
C GLY A 85 -7.90 -25.27 0.38
N ASN A 86 -6.76 -24.58 0.28
CA ASN A 86 -6.47 -23.44 1.15
C ASN A 86 -6.81 -22.14 0.45
N LYS A 87 -7.29 -21.19 1.24
CA LYS A 87 -7.63 -19.86 0.74
C LYS A 87 -6.85 -18.78 1.51
N LEU A 88 -6.82 -17.56 0.98
CA LEU A 88 -6.19 -16.42 1.66
C LEU A 88 -7.14 -15.83 2.69
N ASP A 89 -6.60 -15.34 3.80
CA ASP A 89 -7.34 -14.62 4.84
C ASP A 89 -7.09 -13.12 4.67
N GLY A 90 -6.01 -12.76 4.00
CA GLY A 90 -5.66 -11.35 3.87
C GLY A 90 -4.93 -11.04 2.60
N VAL A 91 -5.08 -9.78 2.16
CA VAL A 91 -4.45 -9.25 0.94
C VAL A 91 -3.94 -7.86 1.26
N VAL A 92 -2.67 -7.58 0.93
CA VAL A 92 -2.07 -6.27 1.12
C VAL A 92 -1.70 -5.70 -0.22
N HIS A 93 -2.33 -4.57 -0.57
CA HIS A 93 -2.00 -3.81 -1.76
C HIS A 93 -1.05 -2.69 -1.28
N SER A 94 0.24 -2.75 -1.67
CA SER A 94 1.19 -1.70 -1.24
C SER A 94 1.92 -1.26 -2.49
N ILE A 95 1.12 -0.82 -3.48
CA ILE A 95 1.54 -0.49 -4.82
C ILE A 95 1.16 0.95 -5.15
N GLY A 96 2.14 1.71 -5.59
CA GLY A 96 1.94 3.11 -5.96
C GLY A 96 2.96 3.53 -6.98
N PHE A 97 2.52 4.30 -7.98
CA PHE A 97 3.42 4.79 -9.02
C PHE A 97 2.82 6.02 -9.65
N MET A 98 3.68 6.99 -9.99
CA MET A 98 3.27 8.15 -10.77
C MET A 98 4.50 8.57 -11.58
N PRO A 99 4.41 8.70 -12.93
CA PRO A 99 5.56 9.18 -13.70
C PRO A 99 6.07 10.53 -13.19
N GLN A 100 7.37 10.80 -13.39
CA GLN A 100 8.03 12.03 -12.91
C GLN A 100 7.35 13.30 -13.39
N THR A 101 6.65 13.26 -14.53
CA THR A 101 5.93 14.43 -15.05
C THR A 101 4.74 14.80 -14.16
N GLY A 102 4.28 13.86 -13.34
CA GLY A 102 3.11 14.06 -12.48
C GLY A 102 3.41 14.42 -11.03
N MET A 103 4.70 14.55 -10.68
CA MET A 103 5.13 14.88 -9.31
C MET A 103 6.32 15.83 -9.36
N GLY A 104 6.55 16.56 -8.27
CA GLY A 104 7.71 17.44 -8.18
C GLY A 104 7.52 18.83 -8.75
N ILE A 105 8.62 19.43 -9.25
CA ILE A 105 8.59 20.81 -9.78
C ILE A 105 7.93 20.91 -11.15
N ASN A 106 7.75 19.78 -11.87
CA ASN A 106 7.08 19.85 -13.16
C ASN A 106 5.68 20.44 -12.93
N PRO A 107 5.30 21.55 -13.62
CA PRO A 107 3.99 22.17 -13.35
C PRO A 107 2.86 21.14 -13.41
N PHE A 108 1.89 21.27 -12.49
CA PHE A 108 0.72 20.39 -12.43
C PHE A 108 0.03 20.27 -13.83
N PHE A 109 -0.06 21.39 -14.54
CA PHE A 109 -0.68 21.46 -15.88
C PHE A 109 0.15 20.81 -17.01
N ASP A 110 1.40 20.41 -16.72
CA ASP A 110 2.29 19.83 -17.74
C ASP A 110 2.40 18.32 -17.69
N ALA A 111 1.59 17.65 -16.88
CA ALA A 111 1.61 16.18 -16.83
C ALA A 111 0.74 15.65 -17.99
N PRO A 112 1.32 14.96 -18.98
CA PRO A 112 0.49 14.43 -20.10
C PRO A 112 -0.49 13.39 -19.58
N TYR A 113 -1.70 13.31 -20.19
CA TYR A 113 -2.67 12.35 -19.70
C TYR A 113 -2.20 10.89 -19.73
N ALA A 114 -1.38 10.48 -20.72
CA ALA A 114 -0.89 9.09 -20.77
C ALA A 114 -0.13 8.76 -19.48
N ASP A 115 0.61 9.76 -18.94
CA ASP A 115 1.38 9.59 -17.71
C ASP A 115 0.46 9.55 -16.50
N VAL A 116 -0.50 10.51 -16.40
CA VAL A 116 -1.48 10.51 -15.31
C VAL A 116 -2.25 9.16 -15.27
N SER A 117 -2.69 8.71 -16.46
CA SER A 117 -3.47 7.48 -16.63
C SER A 117 -2.70 6.25 -16.16
N LYS A 118 -1.40 6.17 -16.47
CA LYS A 118 -0.58 5.05 -16.02
C LYS A 118 -0.47 5.06 -14.48
N GLY A 119 -0.30 6.25 -13.90
CA GLY A 119 -0.21 6.42 -12.46
C GLY A 119 -1.50 6.02 -11.76
N ILE A 120 -2.66 6.41 -12.32
CA ILE A 120 -3.97 6.05 -11.75
C ILE A 120 -4.26 4.54 -11.92
N HIS A 121 -3.85 3.97 -13.06
CA HIS A 121 -3.98 2.52 -13.30
C HIS A 121 -3.27 1.75 -12.17
N ILE A 122 -1.98 2.04 -11.95
CA ILE A 122 -1.18 1.34 -10.96
C ILE A 122 -1.59 1.68 -9.53
N SER A 123 -1.79 2.96 -9.25
CA SER A 123 -2.06 3.39 -7.87
C SER A 123 -3.51 3.23 -7.39
N ALA A 124 -4.52 3.29 -8.29
CA ALA A 124 -5.93 3.25 -7.87
C ALA A 124 -6.73 2.11 -8.46
N TYR A 125 -6.77 2.01 -9.80
CA TYR A 125 -7.55 0.97 -10.47
C TYR A 125 -7.08 -0.41 -10.04
N SER A 126 -5.74 -0.63 -9.90
CA SER A 126 -5.22 -1.94 -9.50
C SER A 126 -5.69 -2.42 -8.13
N TYR A 127 -6.17 -1.51 -7.26
CA TYR A 127 -6.73 -1.97 -5.99
C TYR A 127 -7.98 -2.83 -6.29
N ALA A 128 -8.80 -2.39 -7.28
CA ALA A 128 -9.97 -3.15 -7.72
C ALA A 128 -9.53 -4.39 -8.49
N SER A 129 -8.47 -4.28 -9.36
CA SER A 129 -7.99 -5.43 -10.17
C SER A 129 -7.54 -6.56 -9.25
N MET A 130 -6.84 -6.20 -8.16
N MET A 130 -6.84 -6.20 -8.16
CA MET A 130 -6.32 -7.16 -7.19
CA MET A 130 -6.33 -7.19 -7.20
C MET A 130 -7.47 -7.84 -6.43
C MET A 130 -7.46 -7.84 -6.40
N ALA A 131 -8.47 -7.06 -5.99
CA ALA A 131 -9.65 -7.57 -5.28
C ALA A 131 -10.42 -8.52 -6.21
N LYS A 132 -10.55 -8.16 -7.50
CA LYS A 132 -11.26 -9.01 -8.47
C LYS A 132 -10.56 -10.38 -8.58
N ALA A 133 -9.23 -10.37 -8.73
CA ALA A 133 -8.42 -11.57 -8.88
C ALA A 133 -8.44 -12.46 -7.65
N LEU A 134 -8.45 -11.85 -6.46
CA LEU A 134 -8.24 -12.62 -5.23
C LEU A 134 -9.47 -12.89 -4.37
N LEU A 135 -10.54 -12.10 -4.47
CA LEU A 135 -11.76 -12.42 -3.69
C LEU A 135 -12.26 -13.85 -3.90
N PRO A 136 -12.23 -14.44 -5.13
CA PRO A 136 -12.70 -15.84 -5.29
C PRO A 136 -11.88 -16.86 -4.49
N ILE A 137 -10.69 -16.46 -3.99
CA ILE A 137 -9.85 -17.37 -3.21
C ILE A 137 -9.65 -16.79 -1.78
N MET A 138 -10.62 -16.00 -1.30
CA MET A 138 -10.51 -15.46 0.06
C MET A 138 -11.56 -16.06 0.97
N ASN A 139 -11.18 -16.27 2.23
CA ASN A 139 -12.07 -16.82 3.24
C ASN A 139 -12.98 -15.75 3.84
N PRO A 140 -14.21 -16.16 4.30
CA PRO A 140 -15.06 -15.23 5.07
C PRO A 140 -14.30 -14.75 6.29
N GLY A 141 -14.49 -13.49 6.68
CA GLY A 141 -13.75 -12.88 7.79
C GLY A 141 -12.43 -12.30 7.30
N GLY A 142 -12.17 -12.43 6.00
CA GLY A 142 -10.95 -11.96 5.37
C GLY A 142 -10.81 -10.46 5.31
N SER A 143 -9.62 -9.99 4.92
CA SER A 143 -9.34 -8.54 4.92
C SER A 143 -8.41 -8.14 3.77
N ILE A 144 -8.80 -7.11 3.03
CA ILE A 144 -7.99 -6.51 1.97
C ILE A 144 -7.59 -5.12 2.49
N VAL A 145 -6.28 -4.82 2.45
CA VAL A 145 -5.76 -3.53 2.93
C VAL A 145 -4.91 -2.88 1.85
N GLY A 146 -5.13 -1.59 1.62
CA GLY A 146 -4.35 -0.80 0.67
C GLY A 146 -3.67 0.36 1.37
N MET A 147 -2.61 0.91 0.76
CA MET A 147 -1.86 2.02 1.32
C MET A 147 -2.30 3.32 0.71
N ASP A 148 -2.60 4.29 1.57
CA ASP A 148 -3.11 5.61 1.20
C ASP A 148 -2.20 6.71 1.77
N PHE A 149 -2.27 7.89 1.19
CA PHE A 149 -1.62 9.12 1.66
C PHE A 149 -2.74 10.17 1.58
N ASP A 150 -3.21 10.65 2.74
CA ASP A 150 -4.34 11.58 2.87
C ASP A 150 -4.40 12.65 1.77
N PRO A 151 -5.35 12.51 0.82
CA PRO A 151 -5.43 13.47 -0.29
C PRO A 151 -6.59 14.46 -0.16
N SER A 152 -7.16 14.61 1.07
N SER A 152 -7.19 14.60 1.05
CA SER A 152 -8.33 15.48 1.35
CA SER A 152 -8.36 15.47 1.27
C SER A 152 -8.06 16.93 1.01
C SER A 152 -8.08 16.95 1.02
N ARG A 153 -6.79 17.32 1.07
CA ARG A 153 -6.36 18.69 0.76
CA ARG A 153 -6.33 18.68 0.78
C ARG A 153 -5.19 18.61 -0.22
N ALA A 154 -5.09 19.60 -1.10
CA ALA A 154 -3.97 19.60 -2.04
C ALA A 154 -2.68 19.97 -1.27
N MET A 155 -1.55 19.60 -1.82
N MET A 155 -1.54 19.46 -1.76
CA MET A 155 -0.27 19.88 -1.20
CA MET A 155 -0.20 19.61 -1.16
C MET A 155 0.76 20.08 -2.30
C MET A 155 0.80 19.95 -2.27
N PRO A 156 1.87 20.75 -2.02
CA PRO A 156 2.87 20.95 -3.08
C PRO A 156 3.60 19.61 -3.41
N ALA A 157 4.14 19.49 -4.64
CA ALA A 157 4.99 18.38 -5.12
C ALA A 157 4.29 17.04 -5.34
N TYR A 158 3.43 16.58 -4.41
CA TYR A 158 2.76 15.27 -4.56
C TYR A 158 1.83 15.26 -5.78
N ASN A 159 1.25 16.42 -6.11
CA ASN A 159 0.51 16.69 -7.33
C ASN A 159 -0.39 15.53 -7.81
N TRP A 160 -0.14 14.94 -8.99
CA TRP A 160 -1.03 13.91 -9.52
C TRP A 160 -1.03 12.63 -8.69
N MET A 161 0.01 12.38 -7.83
CA MET A 161 -0.05 11.22 -6.94
C MET A 161 -1.22 11.41 -5.94
N THR A 162 -1.45 12.65 -5.49
CA THR A 162 -2.56 12.99 -4.57
C THR A 162 -3.90 12.71 -5.25
N VAL A 163 -4.02 13.11 -6.53
CA VAL A 163 -5.23 12.85 -7.32
C VAL A 163 -5.46 11.31 -7.41
N ALA A 164 -4.37 10.52 -7.63
CA ALA A 164 -4.47 9.07 -7.70
C ALA A 164 -4.94 8.50 -6.38
N LYS A 165 -4.49 9.09 -5.23
CA LYS A 165 -4.93 8.65 -3.90
C LYS A 165 -6.41 9.01 -3.69
N SER A 166 -6.87 10.15 -4.20
CA SER A 166 -8.31 10.49 -4.09
C SER A 166 -9.14 9.43 -4.84
N ALA A 167 -8.66 9.00 -6.02
CA ALA A 167 -9.34 7.98 -6.83
C ALA A 167 -9.30 6.64 -6.07
N LEU A 168 -8.15 6.31 -5.43
CA LEU A 168 -8.00 5.08 -4.64
C LEU A 168 -9.02 5.01 -3.49
N GLU A 169 -9.16 6.10 -2.75
CA GLU A 169 -10.12 6.17 -1.64
C GLU A 169 -11.54 5.86 -2.13
N SER A 170 -11.90 6.41 -3.31
CA SER A 170 -13.22 6.17 -3.89
C SER A 170 -13.34 4.69 -4.31
N VAL A 171 -12.29 4.15 -4.96
CA VAL A 171 -12.24 2.75 -5.42
C VAL A 171 -12.43 1.82 -4.19
N ASN A 172 -11.75 2.12 -3.08
CA ASN A 172 -11.84 1.32 -1.85
C ASN A 172 -13.31 1.19 -1.36
N ARG A 173 -14.09 2.28 -1.43
CA ARG A 173 -15.50 2.24 -1.02
C ARG A 173 -16.32 1.29 -1.89
N PHE A 174 -16.00 1.23 -3.19
CA PHE A 174 -16.69 0.29 -4.09
C PHE A 174 -16.20 -1.12 -3.92
N VAL A 175 -14.89 -1.29 -3.70
CA VAL A 175 -14.31 -2.63 -3.48
C VAL A 175 -14.97 -3.24 -2.24
N ALA A 176 -15.22 -2.42 -1.20
CA ALA A 176 -15.86 -2.90 0.04
C ALA A 176 -17.25 -3.51 -0.25
N ARG A 177 -18.03 -2.88 -1.17
CA ARG A 177 -19.34 -3.41 -1.55
C ARG A 177 -19.21 -4.82 -2.11
N GLU A 178 -18.22 -5.02 -3.01
CA GLU A 178 -17.99 -6.32 -3.66
C GLU A 178 -17.45 -7.34 -2.67
N ALA A 179 -16.43 -6.94 -1.88
CA ALA A 179 -15.78 -7.77 -0.87
C ALA A 179 -16.77 -8.26 0.21
N GLY A 180 -17.71 -7.40 0.59
CA GLY A 180 -18.76 -7.73 1.55
C GLY A 180 -19.57 -8.98 1.19
N LYS A 181 -19.77 -9.23 -0.12
CA LYS A 181 -20.49 -10.43 -0.61
C LYS A 181 -19.76 -11.73 -0.24
N TYR A 182 -18.43 -11.64 0.00
CA TYR A 182 -17.55 -12.76 0.36
C TYR A 182 -17.28 -12.82 1.88
N GLY A 183 -17.90 -11.91 2.64
CA GLY A 183 -17.64 -11.74 4.07
C GLY A 183 -16.27 -11.13 4.28
N VAL A 184 -15.77 -10.33 3.29
CA VAL A 184 -14.43 -9.75 3.34
C VAL A 184 -14.47 -8.23 3.52
N ARG A 185 -13.58 -7.70 4.37
CA ARG A 185 -13.44 -6.26 4.60
C ARG A 185 -12.43 -5.65 3.61
N SER A 186 -12.63 -4.38 3.26
CA SER A 186 -11.70 -3.63 2.39
C SER A 186 -11.44 -2.28 3.05
N ASN A 187 -10.18 -1.96 3.33
CA ASN A 187 -9.85 -0.69 3.98
C ASN A 187 -8.51 -0.20 3.54
N LEU A 188 -8.25 1.10 3.77
CA LEU A 188 -6.94 1.66 3.50
C LEU A 188 -6.31 2.13 4.77
N VAL A 189 -4.97 2.10 4.79
CA VAL A 189 -4.21 2.72 5.87
C VAL A 189 -3.59 3.99 5.26
N ALA A 190 -3.99 5.16 5.78
CA ALA A 190 -3.41 6.43 5.34
C ALA A 190 -2.17 6.69 6.25
N ALA A 191 -0.98 6.50 5.68
CA ALA A 191 0.26 6.67 6.44
C ALA A 191 0.77 8.07 6.39
N GLY A 192 1.51 8.46 7.42
CA GLY A 192 2.27 9.71 7.37
C GLY A 192 3.44 9.51 6.39
N PRO A 193 4.21 10.56 6.06
CA PRO A 193 5.32 10.39 5.10
C PRO A 193 6.44 9.46 5.61
N ILE A 194 6.90 8.53 4.76
CA ILE A 194 7.93 7.56 5.14
C ILE A 194 9.12 7.73 4.22
N ARG A 195 10.31 7.72 4.81
CA ARG A 195 11.57 7.84 4.09
C ARG A 195 12.01 6.54 3.45
N THR A 196 11.31 6.15 2.38
CA THR A 196 11.66 5.01 1.55
C THR A 196 12.86 5.50 0.72
N LEU A 197 13.46 4.62 -0.09
CA LEU A 197 14.58 5.04 -0.95
C LEU A 197 14.10 6.16 -1.93
N ALA A 198 12.93 5.98 -2.58
CA ALA A 198 12.40 6.99 -3.51
C ALA A 198 12.10 8.31 -2.83
N MET A 199 11.49 8.29 -1.62
CA MET A 199 11.20 9.54 -0.91
C MET A 199 12.46 10.26 -0.46
N SER A 200 13.49 9.52 -0.03
CA SER A 200 14.78 10.11 0.34
C SER A 200 15.40 10.82 -0.88
N ALA A 201 15.32 10.17 -2.08
CA ALA A 201 15.83 10.72 -3.34
C ALA A 201 15.06 12.01 -3.71
N ILE A 202 13.72 11.98 -3.57
CA ILE A 202 12.85 13.14 -3.86
C ILE A 202 13.19 14.32 -2.91
N VAL A 203 13.32 14.03 -1.60
CA VAL A 203 13.71 15.07 -0.63
C VAL A 203 15.10 15.61 -0.98
N GLY A 204 15.97 14.75 -1.51
CA GLY A 204 17.30 15.12 -1.96
C GLY A 204 17.36 15.90 -3.27
N GLY A 205 16.19 16.16 -3.87
CA GLY A 205 16.08 16.94 -5.09
C GLY A 205 15.94 16.19 -6.41
N ALA A 206 15.70 14.86 -6.39
CA ALA A 206 15.55 14.06 -7.63
C ALA A 206 14.43 14.56 -8.57
N LEU A 207 13.42 15.25 -8.03
CA LEU A 207 12.30 15.82 -8.82
C LEU A 207 12.29 17.34 -8.76
N GLY A 208 13.48 17.93 -8.60
CA GLY A 208 13.64 19.37 -8.49
C GLY A 208 13.87 19.81 -7.06
N GLU A 209 14.59 20.93 -6.89
CA GLU A 209 14.97 21.47 -5.57
C GLU A 209 13.79 21.96 -4.76
N GLU A 210 12.92 22.79 -5.36
CA GLU A 210 11.77 23.36 -4.67
C GLU A 210 10.86 22.27 -4.14
N ALA A 211 10.64 21.21 -4.92
CA ALA A 211 9.79 20.07 -4.52
C ALA A 211 10.41 19.37 -3.32
N GLY A 212 11.72 19.14 -3.36
CA GLY A 212 12.44 18.51 -2.25
C GLY A 212 12.31 19.34 -0.99
N ALA A 213 12.49 20.66 -1.11
CA ALA A 213 12.35 21.62 0.00
C ALA A 213 10.92 21.58 0.58
N GLN A 214 9.91 21.55 -0.28
CA GLN A 214 8.50 21.51 0.15
C GLN A 214 8.17 20.22 0.90
N ILE A 215 8.64 19.08 0.42
CA ILE A 215 8.39 17.79 1.09
C ILE A 215 9.12 17.73 2.45
N GLN A 216 10.33 18.28 2.55
CA GLN A 216 11.04 18.32 3.83
C GLN A 216 10.26 19.18 4.86
N LEU A 217 9.68 20.31 4.41
CA LEU A 217 8.87 21.17 5.29
C LEU A 217 7.57 20.44 5.70
N LEU A 218 6.97 19.71 4.76
CA LEU A 218 5.75 18.94 5.03
C LEU A 218 6.03 17.84 6.07
N GLU A 219 7.18 17.14 5.96
CA GLU A 219 7.59 16.10 6.92
C GLU A 219 7.76 16.70 8.32
N GLU A 220 8.40 17.87 8.41
CA GLU A 220 8.63 18.55 9.69
C GLU A 220 7.33 18.99 10.33
N GLY A 221 6.46 19.58 9.51
CA GLY A 221 5.14 20.05 9.93
C GLY A 221 4.28 18.89 10.44
N TRP A 222 4.42 17.71 9.80
CA TRP A 222 3.68 16.49 10.15
C TRP A 222 4.02 16.07 11.58
N ASP A 223 5.32 15.99 11.89
CA ASP A 223 5.80 15.62 13.22
C ASP A 223 5.37 16.67 14.24
N GLN A 224 5.41 17.97 13.88
CA GLN A 224 5.00 19.07 14.77
C GLN A 224 3.50 18.97 15.13
N ARG A 225 2.64 18.72 14.13
CA ARG A 225 1.17 18.60 14.31
C ARG A 225 0.76 17.33 15.02
N ALA A 226 1.49 16.22 14.79
CA ALA A 226 1.18 14.92 15.38
C ALA A 226 1.20 14.97 16.91
N PRO A 227 0.07 14.77 17.65
CA PRO A 227 0.16 14.84 19.13
C PRO A 227 1.13 13.83 19.75
N ILE A 228 1.37 12.71 19.04
CA ILE A 228 2.31 11.69 19.53
C ILE A 228 3.59 11.67 18.68
N GLY A 229 3.78 12.72 17.87
CA GLY A 229 4.96 12.79 16.99
C GLY A 229 4.84 11.87 15.79
N TRP A 230 5.76 12.07 14.83
CA TRP A 230 5.80 11.25 13.63
C TRP A 230 7.24 10.99 13.25
N ASN A 231 7.63 9.71 13.20
CA ASN A 231 8.99 9.32 12.80
C ASN A 231 8.95 8.76 11.39
N MET A 232 9.30 9.60 10.41
CA MET A 232 9.34 9.24 8.99
C MET A 232 10.32 8.10 8.67
N LYS A 233 11.29 7.84 9.56
CA LYS A 233 12.29 6.76 9.35
C LYS A 233 11.81 5.44 9.93
N ASP A 234 10.57 5.42 10.44
CA ASP A 234 10.08 4.21 11.08
C ASP A 234 8.74 3.79 10.51
N ALA A 235 8.75 2.74 9.65
CA ALA A 235 7.53 2.23 9.05
C ALA A 235 6.81 1.24 10.00
N THR A 236 7.46 0.80 11.11
CA THR A 236 6.86 -0.21 12.00
C THR A 236 5.44 0.21 12.49
N PRO A 237 5.16 1.47 12.95
CA PRO A 237 3.78 1.79 13.38
C PRO A 237 2.73 1.63 12.26
N VAL A 238 3.14 1.90 11.00
CA VAL A 238 2.29 1.73 9.81
C VAL A 238 2.02 0.24 9.58
N ALA A 239 3.10 -0.59 9.64
CA ALA A 239 3.03 -2.05 9.47
C ALA A 239 2.11 -2.64 10.54
N LYS A 240 2.24 -2.19 11.81
CA LYS A 240 1.37 -2.68 12.89
C LYS A 240 -0.13 -2.40 12.60
N THR A 241 -0.44 -1.19 12.11
CA THR A 241 -1.80 -0.74 11.75
C THR A 241 -2.38 -1.63 10.65
N VAL A 242 -1.57 -1.94 9.62
CA VAL A 242 -2.00 -2.84 8.55
C VAL A 242 -2.36 -4.20 9.14
N CYS A 243 -1.50 -4.72 10.04
CA CYS A 243 -1.75 -6.01 10.71
C CYS A 243 -3.02 -5.95 11.58
N ALA A 244 -3.29 -4.79 12.23
CA ALA A 244 -4.53 -4.64 13.02
C ALA A 244 -5.74 -4.87 12.10
N LEU A 245 -5.71 -4.29 10.89
CA LEU A 245 -6.80 -4.45 9.92
C LEU A 245 -6.89 -5.85 9.34
N LEU A 246 -5.73 -6.56 9.23
CA LEU A 246 -5.70 -7.94 8.76
C LEU A 246 -6.19 -8.91 9.84
N SER A 247 -6.20 -8.48 11.10
CA SER A 247 -6.62 -9.32 12.23
C SER A 247 -8.14 -9.38 12.33
N ASP A 248 -8.62 -10.08 13.36
CA ASP A 248 -10.04 -10.22 13.64
C ASP A 248 -10.52 -9.10 14.57
N TRP A 249 -9.65 -8.11 14.89
CA TRP A 249 -9.93 -7.10 15.90
C TRP A 249 -10.58 -5.82 15.39
N LEU A 250 -10.77 -5.68 14.07
CA LEU A 250 -11.55 -4.54 13.54
C LEU A 250 -12.61 -5.18 12.62
N PRO A 251 -13.52 -6.03 13.19
CA PRO A 251 -14.42 -6.82 12.32
C PRO A 251 -15.62 -6.10 11.73
N ALA A 252 -15.90 -4.86 12.15
CA ALA A 252 -17.05 -4.10 11.68
C ALA A 252 -16.62 -2.82 10.93
N THR A 253 -15.38 -2.80 10.43
CA THR A 253 -14.82 -1.65 9.70
C THR A 253 -14.57 -2.06 8.27
N THR A 254 -15.19 -1.37 7.31
CA THR A 254 -15.01 -1.65 5.88
C THR A 254 -15.32 -0.42 5.05
N GLY A 255 -14.74 -0.35 3.85
CA GLY A 255 -14.83 0.80 2.92
C GLY A 255 -14.21 2.04 3.53
N ASP A 256 -13.35 1.83 4.52
CA ASP A 256 -12.87 2.88 5.38
C ASP A 256 -11.37 3.16 5.33
N ILE A 257 -10.97 4.19 6.08
CA ILE A 257 -9.59 4.66 6.12
C ILE A 257 -9.17 4.79 7.58
N ILE A 258 -8.08 4.11 7.92
CA ILE A 258 -7.46 4.19 9.24
C ILE A 258 -6.22 5.02 9.07
N TYR A 259 -6.07 6.07 9.91
CA TYR A 259 -4.94 6.98 9.79
C TYR A 259 -3.80 6.57 10.73
N ALA A 260 -2.67 6.11 10.17
CA ALA A 260 -1.44 5.79 10.93
C ALA A 260 -0.48 6.95 10.59
N ASP A 261 -0.74 8.10 11.19
CA ASP A 261 -0.02 9.34 10.85
C ASP A 261 0.36 10.16 12.06
N GLY A 262 0.35 9.54 13.25
CA GLY A 262 0.67 10.20 14.51
C GLY A 262 -0.44 11.14 14.96
N GLY A 263 -1.60 11.06 14.29
CA GLY A 263 -2.73 11.93 14.54
C GLY A 263 -2.59 13.29 13.88
N ALA A 264 -1.59 13.48 12.99
CA ALA A 264 -1.35 14.79 12.35
C ALA A 264 -2.54 15.37 11.57
N HIS A 265 -3.33 14.50 10.90
CA HIS A 265 -4.49 14.99 10.13
C HIS A 265 -5.62 15.55 11.02
N THR A 266 -5.54 15.35 12.36
CA THR A 266 -6.60 15.81 13.28
C THR A 266 -6.26 17.18 13.88
N GLN A 267 -5.11 17.75 13.51
CA GLN A 267 -4.61 19.00 14.10
C GLN A 267 -4.27 19.99 13.00
N LEU A 268 -4.55 21.26 13.22
CA LEU A 268 -4.24 22.25 12.18
C LEU A 268 -2.84 22.80 12.36
N LEU A 269 -2.47 23.06 13.61
CA LEU A 269 -1.14 23.53 13.98
C LEU A 269 -0.77 22.82 15.31
PA NAD B . 7.99 1.50 -2.74
O1A NAD B . 8.72 2.07 -3.89
O2A NAD B . 8.89 0.76 -1.77
O5B NAD B . 6.78 0.56 -3.11
C5B NAD B . 5.86 0.78 -4.22
C4B NAD B . 5.70 -0.55 -4.89
O4B NAD B . 4.85 -0.43 -6.07
C3B NAD B . 7.02 -1.20 -5.37
O3B NAD B . 7.25 -2.48 -4.80
C2B NAD B . 6.82 -1.34 -6.88
O2B NAD B . 7.41 -2.50 -7.46
C1B NAD B . 5.30 -1.44 -6.94
N9A NAD B . 4.78 -1.28 -8.30
C8A NAD B . 4.97 -0.24 -9.17
N7A NAD B . 4.43 -0.43 -10.35
C5A NAD B . 3.85 -1.70 -10.25
C6A NAD B . 3.14 -2.48 -11.17
N6A NAD B . 2.90 -2.13 -12.45
N1A NAD B . 2.71 -3.70 -10.74
C2A NAD B . 2.96 -4.08 -9.49
N3A NAD B . 3.63 -3.41 -8.54
C4A NAD B . 4.06 -2.22 -8.99
O3 NAD B . 7.25 2.68 -1.95
PN NAD B . 6.28 2.71 -0.69
O1N NAD B . 6.61 1.61 0.24
O2N NAD B . 6.31 4.11 -0.19
O5D NAD B . 4.89 2.43 -1.41
C5D NAD B . 3.90 1.48 -0.94
C4D NAD B . 2.56 2.16 -0.88
O4D NAD B . 2.50 3.08 0.23
C3D NAD B . 2.17 2.97 -2.14
O3D NAD B . 0.76 2.85 -2.37
C2D NAD B . 2.45 4.41 -1.69
O2D NAD B . 1.76 5.37 -2.46
C1D NAD B . 1.98 4.30 -0.24
N1N NAD B . 2.42 5.41 0.69
C2N NAD B . 3.69 5.82 0.76
C3N NAD B . 4.02 6.85 1.62
C7N NAD B . 5.46 7.33 1.75
O7N NAD B . 5.69 8.42 2.26
N7N NAD B . 6.44 6.53 1.30
C4N NAD B . 3.01 7.44 2.38
C5N NAD B . 1.71 6.98 2.28
C6N NAD B . 1.43 5.95 1.42
C10 9VQ C . 3.10 9.66 -1.07
N12 9VQ C . 3.00 7.74 -2.24
C13 9VQ C . 5.29 6.27 -4.61
O01 9VQ C . 6.26 6.62 -8.68
C02 9VQ C . 6.50 7.76 -7.91
C03 9VQ C . 6.23 7.56 -6.43
C04 9VQ C . 6.65 8.51 -5.51
C05 9VQ C . 6.36 8.35 -4.16
C06 9VQ C . 5.71 7.22 -3.69
C07 9VQ C . 5.35 7.08 -2.22
N08 9VQ C . 4.27 7.99 -1.86
C09 9VQ C . 4.36 9.16 -1.19
C11 9VQ C . 2.28 8.74 -1.74
C14 9VQ C . 5.58 6.43 -5.96
H23 9VQ C . 2.87 10.45 -0.65
H25 9VQ C . 4.86 5.51 -4.33
H15 9VQ C . 6.41 6.82 -9.46
H16 9VQ C . 5.97 8.46 -8.23
H17 9VQ C . 7.39 8.02 -8.04
H18 9VQ C . 7.07 9.28 -5.79
H19 9VQ C . 6.61 9.02 -3.57
H20 9VQ C . 5.09 6.21 -1.99
H21 9VQ C . 6.08 7.29 -1.67
H22 9VQ C . 5.16 9.48 -0.84
H24 9VQ C . 1.37 8.75 -1.90
H26 9VQ C . 5.30 5.77 -6.55
C2 ETX D . 12.06 2.08 7.48
O2 ETX D . 11.34 1.78 8.66
C3 ETX D . 12.18 1.03 9.53
C4 ETX D . 11.37 0.27 10.56
O1 ETX D . 10.97 2.46 5.43
C1 ETX D . 11.35 3.12 6.64
C2 ETX E . -12.91 20.07 5.16
O2 ETX E . -12.41 20.59 3.91
C3 ETX E . -11.56 19.66 3.21
C4 ETX E . -11.06 20.25 1.89
O1 ETX E . -11.98 21.88 6.53
C1 ETX E . -13.18 21.18 6.18
C2 ETX F . 17.02 5.52 3.51
O2 ETX F . 18.02 5.90 2.57
C3 ETX F . 19.06 6.66 3.18
C4 ETX F . 18.74 8.12 3.02
O1 ETX F . 16.41 3.61 2.14
C1 ETX F . 15.89 4.79 2.78
#